data_8S8X
#
_entry.id   8S8X
#
_cell.length_a   168.110
_cell.length_b   168.110
_cell.length_c   52.110
_cell.angle_alpha   90.000
_cell.angle_beta   90.000
_cell.angle_gamma   120.000
#
_symmetry.space_group_name_H-M   'P 31 2 1'
#
loop_
_entity.id
_entity.type
_entity.pdbx_description
1 polymer "2'-O-methyltransferase nsp16"
2 polymer 'Non-structural protein 10'
3 polymer 'm7GpppA-RNA (Cap0-RNA)'
4 non-polymer '2-(N-MORPHOLINO)-ETHANESULFONIC ACID'
5 non-polymer 4-amino-7-(beta-D-ribofuranosyl)-7H-pyrrolo[2,3-d]pyrimidine-5-carbonitrile
6 non-polymer 'MAGNESIUM ION'
7 non-polymer 'ZINC ION'
8 non-polymer "P1-7-METHYLGUANOSINE-P3-ADENOSINE-5',5'-TRIPHOSPHATE"
9 water water
#
loop_
_entity_poly.entity_id
_entity_poly.type
_entity_poly.pdbx_seq_one_letter_code
_entity_poly.pdbx_strand_id
1 'polypeptide(L)'
;SSQAWQPGVAMPNLYKMQRMLLEKCDLQNYGDSATLPKGIMMNVAKYTQLCQYLNTLTLAVPYNMRVIHFGAGSDKGVAP
GTAVLRQWLPTGTLLVDSDLNDFVSDADSTLIGDCATVHTANKWDLIISDMYDPKTKNVTKENDSKEGFFTYICGFIQQK
LALGGSVAIKITEHSWNADLYKLMGHFAWWTAFVTNVNASSSEAFLIGCNYLGKPREQIDGYVMHANYIFWRNTNPIQLS
SYSLFDMSKFPLKLRGTAVMSLKEGQINDMILSLLSKGRLIIRENNRVVISSDVLVNNENLYFQ
;
A
2 'polypeptide(L)'
;GAGNATEVPANSTVLSFCAFAVDAAKAYKDYLASGGQPITNCVKMLCTHTGTGQAITVTPEANMDQESFGGASCCLYCRC
HIDHPNPKGFCDLKGKYVQIPTTCANDPVGFTLKNTVCTVCGMWKGYGCSCDQLREPMLQ
;
B
3 'polyribonucleotide' UUA C
#
# COMPACT_ATOMS: atom_id res chain seq x y z
N SER A 1 16.82 -19.71 -12.31
CA SER A 1 17.56 -18.56 -11.80
C SER A 1 16.90 -17.27 -12.31
N SER A 2 15.86 -17.51 -13.13
CA SER A 2 14.96 -16.49 -13.68
C SER A 2 14.14 -15.76 -12.62
N GLN A 3 14.35 -16.17 -11.34
CA GLN A 3 13.64 -15.52 -10.23
C GLN A 3 13.95 -14.05 -10.17
N ALA A 4 15.15 -13.65 -10.62
CA ALA A 4 15.58 -12.27 -10.50
C ALA A 4 14.73 -11.33 -11.36
N TRP A 5 14.06 -11.83 -12.38
CA TRP A 5 13.22 -11.00 -13.24
C TRP A 5 11.77 -10.99 -12.81
N GLN A 6 11.45 -11.74 -11.77
CA GLN A 6 10.15 -11.68 -11.12
C GLN A 6 10.10 -10.52 -10.12
N PRO A 7 8.89 -10.11 -9.72
CA PRO A 7 8.76 -9.15 -8.62
C PRO A 7 9.23 -9.69 -7.28
N GLY A 8 9.26 -11.00 -7.11
CA GLY A 8 9.71 -11.60 -5.87
C GLY A 8 9.49 -13.10 -5.97
N VAL A 9 9.49 -13.75 -4.82
CA VAL A 9 9.40 -15.19 -4.72
C VAL A 9 8.32 -15.54 -3.72
N ALA A 10 7.40 -16.40 -4.12
CA ALA A 10 6.39 -16.95 -3.22
C ALA A 10 6.83 -18.29 -2.64
N MET A 11 6.42 -18.53 -1.40
CA MET A 11 6.74 -19.77 -0.70
C MET A 11 6.26 -20.99 -1.48
N PRO A 12 7.15 -21.87 -1.92
CA PRO A 12 6.68 -23.03 -2.71
C PRO A 12 5.82 -23.95 -1.88
N ASN A 13 4.85 -24.55 -2.57
CA ASN A 13 3.82 -25.37 -1.92
C ASN A 13 4.41 -26.50 -1.09
N LEU A 14 5.53 -27.08 -1.51
CA LEU A 14 6.06 -28.22 -0.76
C LEU A 14 6.55 -27.79 0.60
N TYR A 15 7.00 -26.54 0.75
CA TYR A 15 7.40 -26.09 2.08
C TYR A 15 6.17 -25.87 2.99
N LYS A 16 5.05 -25.43 2.41
CA LYS A 16 3.80 -25.32 3.17
C LYS A 16 3.37 -26.65 3.77
N MET A 17 3.68 -27.76 3.09
CA MET A 17 3.25 -29.09 3.52
C MET A 17 4.15 -29.71 4.59
N GLN A 18 5.21 -29.06 5.02
CA GLN A 18 6.09 -29.71 5.97
C GLN A 18 5.53 -29.56 7.38
N ARG A 19 6.30 -30.07 8.36
CA ARG A 19 5.96 -29.99 9.79
C ARG A 19 7.27 -29.69 10.51
N MET A 20 7.84 -28.53 10.22
CA MET A 20 9.13 -28.15 10.80
C MET A 20 8.94 -27.56 12.19
N LEU A 21 10.04 -27.52 12.92
CA LEU A 21 10.09 -26.77 14.17
C LEU A 21 10.72 -25.42 13.91
N LEU A 22 10.41 -24.48 14.79
CA LEU A 22 10.83 -23.11 14.57
C LEU A 22 12.30 -22.95 14.88
N GLU A 23 13.06 -22.51 13.90
CA GLU A 23 14.43 -22.13 14.11
C GLU A 23 14.59 -20.62 14.00
N LYS A 24 15.73 -20.16 14.48
CA LYS A 24 16.15 -18.80 14.22
C LYS A 24 16.41 -18.61 12.73
N CYS A 25 16.01 -17.44 12.22
CA CYS A 25 16.22 -17.11 10.82
C CYS A 25 17.62 -16.55 10.65
N ASP A 26 18.33 -17.09 9.66
CA ASP A 26 19.73 -16.76 9.41
C ASP A 26 19.90 -16.72 7.89
N LEU A 27 19.73 -15.52 7.34
CA LEU A 27 19.79 -15.27 5.90
C LEU A 27 21.22 -14.92 5.54
N GLN A 28 21.71 -15.50 4.44
CA GLN A 28 23.11 -15.31 4.09
C GLN A 28 23.37 -13.87 3.62
N ASN A 29 22.37 -13.19 3.08
CA ASN A 29 22.53 -11.81 2.64
C ASN A 29 21.85 -10.82 3.59
N TYR A 30 21.59 -11.25 4.83
CA TYR A 30 20.85 -10.44 5.79
C TYR A 30 21.27 -8.97 5.79
N GLY A 31 20.29 -8.08 5.59
CA GLY A 31 20.53 -6.67 5.65
C GLY A 31 21.14 -6.04 4.41
N ASP A 32 21.58 -6.83 3.43
CA ASP A 32 22.08 -6.24 2.18
C ASP A 32 21.01 -5.37 1.56
N SER A 33 21.46 -4.35 0.82
CA SER A 33 20.58 -3.35 0.27
C SER A 33 20.54 -3.51 -1.23
N ALA A 34 19.34 -3.45 -1.79
CA ALA A 34 19.19 -3.50 -3.22
C ALA A 34 19.60 -2.16 -3.80
N THR A 35 20.00 -2.17 -5.06
CA THR A 35 20.26 -0.95 -5.80
C THR A 35 18.94 -0.48 -6.40
N LEU A 36 18.39 0.56 -5.88
CA LEU A 36 17.11 0.99 -6.41
C LEU A 36 17.29 1.99 -7.57
N PRO A 37 16.35 2.08 -8.52
CA PRO A 37 16.45 3.16 -9.51
C PRO A 37 16.60 4.50 -8.82
N LYS A 38 17.28 5.43 -9.49
CA LYS A 38 17.59 6.74 -8.94
C LYS A 38 16.38 7.42 -8.35
N GLY A 39 16.50 7.81 -7.08
CA GLY A 39 15.50 8.61 -6.40
C GLY A 39 14.25 7.88 -5.95
N ILE A 40 14.21 6.56 -6.05
CA ILE A 40 13.03 5.76 -5.68
C ILE A 40 13.19 5.28 -4.23
N MET A 41 12.15 5.50 -3.40
CA MET A 41 12.16 5.03 -2.02
C MET A 41 11.93 3.52 -1.95
N MET A 42 12.51 2.89 -0.93
CA MET A 42 12.30 1.45 -0.68
C MET A 42 10.82 1.08 -0.65
N ASN A 43 9.97 1.88 0.01
CA ASN A 43 8.57 1.45 0.12
C ASN A 43 7.87 1.52 -1.23
N VAL A 44 8.26 2.45 -2.10
CA VAL A 44 7.70 2.47 -3.45
C VAL A 44 8.13 1.22 -4.23
N ALA A 45 9.42 0.87 -4.19
CA ALA A 45 9.86 -0.34 -4.88
C ALA A 45 9.18 -1.56 -4.30
N LYS A 46 9.08 -1.60 -2.97
CA LYS A 46 8.51 -2.76 -2.31
C LYS A 46 7.05 -2.92 -2.65
N TYR A 47 6.30 -1.83 -2.58
CA TYR A 47 4.88 -1.96 -2.87
C TYR A 47 4.63 -2.20 -4.35
N THR A 48 5.48 -1.67 -5.22
CA THR A 48 5.37 -1.95 -6.65
C THR A 48 5.52 -3.45 -6.91
N GLN A 49 6.55 -4.07 -6.31
CA GLN A 49 6.74 -5.50 -6.50
C GLN A 49 5.60 -6.29 -5.88
N LEU A 50 5.04 -5.82 -4.76
CA LEU A 50 3.92 -6.51 -4.16
C LEU A 50 2.74 -6.52 -5.11
N CYS A 51 2.45 -5.34 -5.69
CA CYS A 51 1.33 -5.22 -6.60
C CYS A 51 1.59 -6.02 -7.88
N GLN A 52 2.81 -5.97 -8.42
CA GLN A 52 3.17 -6.81 -9.58
C GLN A 52 2.87 -8.29 -9.35
N TYR A 53 3.17 -8.79 -8.14
CA TYR A 53 2.85 -10.16 -7.83
C TYR A 53 1.34 -10.36 -7.72
N LEU A 54 0.66 -9.40 -7.12
CA LEU A 54 -0.78 -9.54 -6.99
C LEU A 54 -1.46 -9.52 -8.36
N ASN A 55 -0.82 -8.93 -9.38
CA ASN A 55 -1.35 -9.01 -10.74
C ASN A 55 -1.40 -10.44 -11.28
N THR A 56 -0.66 -11.39 -10.70
CA THR A 56 -0.65 -12.76 -11.18
C THR A 56 -1.71 -13.64 -10.51
N LEU A 57 -2.44 -13.10 -9.55
CA LEU A 57 -3.45 -13.85 -8.82
C LEU A 57 -4.83 -13.49 -9.30
N THR A 58 -5.81 -14.20 -8.78
CA THR A 58 -7.20 -14.05 -9.18
C THR A 58 -7.95 -13.10 -8.25
N LEU A 59 -7.45 -11.89 -8.14
CA LEU A 59 -8.14 -10.90 -7.31
C LEU A 59 -9.47 -10.50 -7.94
N ALA A 60 -10.48 -10.38 -7.10
CA ALA A 60 -11.73 -9.73 -7.49
C ALA A 60 -11.51 -8.23 -7.60
N VAL A 61 -11.97 -7.65 -8.70
CA VAL A 61 -11.82 -6.21 -8.91
C VAL A 61 -13.15 -5.61 -9.34
N PRO A 62 -14.06 -5.37 -8.40
CA PRO A 62 -15.35 -4.77 -8.74
C PRO A 62 -15.26 -3.30 -9.08
N TYR A 63 -16.33 -2.80 -9.71
CA TYR A 63 -16.56 -1.36 -9.76
C TYR A 63 -16.70 -0.84 -8.33
N ASN A 64 -16.23 0.38 -8.09
CA ASN A 64 -16.27 0.97 -6.75
C ASN A 64 -15.63 0.03 -5.72
N MET A 65 -14.48 -0.50 -6.09
CA MET A 65 -13.74 -1.37 -5.20
C MET A 65 -13.35 -0.63 -3.93
N ARG A 66 -13.29 -1.38 -2.83
CA ARG A 66 -12.95 -0.84 -1.51
C ARG A 66 -11.68 -1.49 -0.97
N VAL A 67 -10.66 -0.67 -0.73
CA VAL A 67 -9.37 -1.10 -0.24
C VAL A 67 -9.02 -0.31 1.02
N ILE A 68 -8.58 -1.00 2.07
CA ILE A 68 -8.07 -0.36 3.27
C ILE A 68 -6.64 -0.82 3.55
N HIS A 69 -5.80 0.16 3.93
CA HIS A 69 -4.35 0.02 4.04
C HIS A 69 -3.92 0.48 5.44
N PHE A 70 -3.59 -0.49 6.29
CA PHE A 70 -3.07 -0.23 7.63
C PHE A 70 -1.56 -0.17 7.65
N GLY A 71 -1.05 0.60 8.59
CA GLY A 71 0.38 0.85 8.66
C GLY A 71 0.95 1.72 7.57
N ALA A 72 0.20 2.74 7.12
CA ALA A 72 0.50 3.43 5.87
C ALA A 72 1.39 4.67 6.03
N GLY A 73 1.67 5.10 7.26
CA GLY A 73 2.55 6.24 7.47
C GLY A 73 4.03 5.87 7.53
N SER A 74 4.85 6.90 7.59
CA SER A 74 6.29 6.78 7.72
C SER A 74 6.76 7.87 8.66
N ASP A 75 7.99 7.72 9.14
CA ASP A 75 8.64 8.76 9.92
C ASP A 75 8.81 10.05 9.10
N LYS A 76 8.72 9.96 7.78
CA LYS A 76 8.79 11.16 6.94
C LYS A 76 7.45 11.88 6.83
N GLY A 77 6.37 11.33 7.38
CA GLY A 77 5.07 11.97 7.31
C GLY A 77 4.34 11.87 5.99
N VAL A 78 4.75 10.97 5.09
CA VAL A 78 4.09 10.74 3.81
C VAL A 78 3.77 9.26 3.69
N ALA A 79 3.06 8.89 2.62
CA ALA A 79 2.56 7.53 2.48
C ALA A 79 2.96 6.96 1.12
N PRO A 80 4.19 6.45 1.00
CA PRO A 80 4.61 5.93 -0.31
C PRO A 80 3.82 4.71 -0.77
N GLY A 81 3.54 3.76 0.14
CA GLY A 81 2.74 2.59 -0.23
C GLY A 81 1.35 2.96 -0.70
N THR A 82 0.69 3.87 -0.01
CA THR A 82 -0.61 4.32 -0.50
C THR A 82 -0.52 4.86 -1.91
N ALA A 83 0.51 5.65 -2.21
CA ALA A 83 0.68 6.20 -3.55
C ALA A 83 0.80 5.10 -4.62
N VAL A 84 1.54 4.02 -4.32
CA VAL A 84 1.64 2.88 -5.25
C VAL A 84 0.29 2.17 -5.37
N LEU A 85 -0.38 1.89 -4.25
CA LEU A 85 -1.70 1.25 -4.32
C LEU A 85 -2.67 2.03 -5.19
N ARG A 86 -2.71 3.36 -5.04
CA ARG A 86 -3.66 4.18 -5.81
C ARG A 86 -3.28 4.26 -7.29
N GLN A 87 -1.99 4.25 -7.59
CA GLN A 87 -1.50 4.06 -8.94
C GLN A 87 -1.95 2.71 -9.50
N TRP A 88 -1.74 1.63 -8.73
CA TRP A 88 -2.12 0.30 -9.17
C TRP A 88 -3.62 0.13 -9.35
N LEU A 89 -4.41 0.59 -8.37
CA LEU A 89 -5.83 0.29 -8.37
C LEU A 89 -6.57 1.11 -9.44
N PRO A 90 -7.68 0.60 -9.95
CA PRO A 90 -8.47 1.37 -10.91
C PRO A 90 -8.81 2.77 -10.39
N THR A 91 -8.74 3.74 -11.29
CA THR A 91 -9.16 5.08 -10.93
C THR A 91 -10.59 5.03 -10.39
N GLY A 92 -10.84 5.77 -9.31
CA GLY A 92 -12.11 5.73 -8.63
C GLY A 92 -12.20 4.75 -7.48
N THR A 93 -11.23 3.85 -7.33
CA THR A 93 -11.25 2.90 -6.22
C THR A 93 -11.23 3.64 -4.88
N LEU A 94 -12.11 3.27 -3.97
CA LEU A 94 -12.10 3.90 -2.65
C LEU A 94 -10.93 3.32 -1.86
N LEU A 95 -10.04 4.19 -1.42
CA LEU A 95 -8.82 3.81 -0.71
C LEU A 95 -8.82 4.56 0.60
N VAL A 96 -8.87 3.82 1.71
CA VAL A 96 -8.70 4.35 3.06
C VAL A 96 -7.38 3.85 3.61
N ASP A 97 -6.63 4.72 4.29
CA ASP A 97 -5.43 4.25 5.00
C ASP A 97 -5.38 4.79 6.44
N SER A 98 -4.39 4.31 7.18
CA SER A 98 -4.34 4.52 8.61
C SER A 98 -2.94 4.27 9.14
N ASP A 99 -2.63 4.92 10.25
CA ASP A 99 -1.38 4.71 10.97
C ASP A 99 -1.54 5.31 12.35
N LEU A 100 -0.72 4.81 13.29
CA LEU A 100 -0.65 5.36 14.63
C LEU A 100 -0.24 6.82 14.62
N ASN A 101 0.69 7.18 13.75
CA ASN A 101 1.31 8.49 13.69
C ASN A 101 0.81 9.31 12.51
N ASP A 102 0.82 10.63 12.67
N ASP A 102 0.86 10.64 12.68
CA ASP A 102 0.26 11.54 11.67
CA ASP A 102 0.40 11.59 11.69
C ASP A 102 1.11 11.49 10.41
C ASP A 102 1.14 11.38 10.37
N PHE A 103 0.42 11.54 9.26
CA PHE A 103 1.03 11.58 7.93
C PHE A 103 0.02 12.17 6.94
N VAL A 104 0.53 12.59 5.78
CA VAL A 104 -0.35 13.05 4.69
C VAL A 104 -0.35 12.02 3.56
N SER A 105 -1.51 11.84 2.96
CA SER A 105 -1.74 10.70 2.10
C SER A 105 -2.57 11.09 0.90
N ASP A 106 -2.39 10.34 -0.18
CA ASP A 106 -3.25 10.38 -1.36
C ASP A 106 -4.50 9.53 -1.22
N ALA A 107 -4.72 8.89 -0.08
CA ALA A 107 -5.91 8.11 0.14
C ALA A 107 -7.15 9.01 0.18
N ASP A 108 -8.31 8.41 -0.12
CA ASP A 108 -9.54 9.19 -0.07
C ASP A 108 -9.89 9.63 1.36
N SER A 109 -9.62 8.79 2.34
CA SER A 109 -9.73 9.16 3.75
C SER A 109 -8.63 8.47 4.53
N THR A 110 -8.15 9.16 5.57
CA THR A 110 -7.03 8.74 6.40
C THR A 110 -7.44 8.88 7.86
N LEU A 111 -7.28 7.82 8.64
CA LEU A 111 -7.52 7.84 10.07
C LEU A 111 -6.22 7.65 10.80
N ILE A 112 -5.96 8.51 11.78
CA ILE A 112 -4.75 8.47 12.60
C ILE A 112 -5.12 7.88 13.96
N GLY A 113 -4.34 6.93 14.42
CA GLY A 113 -4.56 6.31 15.70
C GLY A 113 -4.22 4.84 15.66
N ASP A 114 -4.23 4.18 16.81
CA ASP A 114 -4.09 2.72 16.84
C ASP A 114 -5.19 2.10 15.99
N CYS A 115 -4.83 1.07 15.22
CA CYS A 115 -5.81 0.42 14.36
C CYS A 115 -7.02 -0.09 15.12
N ALA A 116 -6.86 -0.44 16.40
CA ALA A 116 -7.98 -0.93 17.19
C ALA A 116 -9.07 0.13 17.36
N THR A 117 -8.72 1.42 17.20
CA THR A 117 -9.70 2.51 17.22
C THR A 117 -10.48 2.66 15.91
N VAL A 118 -10.13 1.90 14.87
CA VAL A 118 -10.76 2.06 13.55
C VAL A 118 -11.93 1.12 13.41
N HIS A 119 -13.07 1.68 13.01
CA HIS A 119 -14.33 0.96 12.87
C HIS A 119 -14.97 1.31 11.54
N THR A 120 -15.76 0.37 11.03
CA THR A 120 -16.45 0.68 9.79
C THR A 120 -17.67 -0.20 9.63
N ALA A 121 -18.69 0.41 9.04
CA ALA A 121 -19.95 -0.26 8.75
C ALA A 121 -19.76 -1.33 7.67
N ASN A 122 -18.91 -1.05 6.71
N ASN A 122 -18.96 -1.01 6.66
CA ASN A 122 -18.88 -1.76 5.46
CA ASN A 122 -18.92 -1.74 5.41
C ASN A 122 -17.81 -2.85 5.43
C ASN A 122 -17.80 -2.77 5.37
N LYS A 123 -17.95 -3.70 4.43
CA LYS A 123 -16.97 -4.74 4.14
C LYS A 123 -16.06 -4.26 3.00
N TRP A 124 -14.90 -4.90 2.90
CA TRP A 124 -13.80 -4.43 2.08
C TRP A 124 -13.43 -5.55 1.12
N ASP A 125 -12.93 -5.15 -0.04
CA ASP A 125 -12.52 -6.10 -1.06
C ASP A 125 -11.03 -6.45 -1.00
N LEU A 126 -10.20 -5.61 -0.40
CA LEU A 126 -8.77 -5.88 -0.30
C LEU A 126 -8.26 -5.19 0.95
N ILE A 127 -7.52 -5.92 1.78
CA ILE A 127 -6.90 -5.37 2.99
C ILE A 127 -5.38 -5.50 2.86
N ILE A 128 -4.69 -4.37 3.00
CA ILE A 128 -3.23 -4.27 2.99
C ILE A 128 -2.79 -3.80 4.38
N SER A 129 -1.81 -4.49 4.95
CA SER A 129 -1.21 -4.06 6.22
C SER A 129 0.31 -4.13 6.13
N ASP A 130 0.96 -3.02 6.45
CA ASP A 130 2.39 -3.01 6.65
C ASP A 130 2.77 -2.74 8.11
N MET A 131 1.84 -2.94 9.04
CA MET A 131 2.12 -2.61 10.43
C MET A 131 3.19 -3.53 10.99
N TYR A 132 4.04 -2.95 11.83
CA TYR A 132 5.13 -3.63 12.50
C TYR A 132 5.41 -2.90 13.81
N ASP A 133 5.48 -3.64 14.91
CA ASP A 133 5.73 -3.04 16.21
C ASP A 133 7.23 -2.82 16.43
N PRO A 134 7.68 -1.58 16.59
CA PRO A 134 9.12 -1.36 16.82
C PRO A 134 9.67 -2.15 18.01
N LYS A 135 8.83 -2.45 19.00
CA LYS A 135 9.27 -3.26 20.15
C LYS A 135 9.54 -4.72 19.77
N THR A 136 9.14 -5.14 18.59
CA THR A 136 9.45 -6.49 18.13
C THR A 136 10.95 -6.67 17.97
N LYS A 137 11.68 -5.57 17.88
CA LYS A 137 13.14 -5.64 17.77
C LYS A 137 13.79 -6.04 19.10
N ASN A 138 13.11 -5.81 20.23
CA ASN A 138 13.58 -6.15 21.57
C ASN A 138 13.29 -7.62 21.85
N VAL A 139 14.09 -8.47 21.21
CA VAL A 139 13.93 -9.92 21.27
C VAL A 139 14.62 -10.42 22.54
N THR A 140 13.81 -10.99 23.46
CA THR A 140 14.30 -11.35 24.77
C THR A 140 13.79 -12.71 25.24
N LYS A 141 13.37 -13.57 24.30
CA LYS A 141 12.86 -14.90 24.61
C LYS A 141 12.48 -15.62 23.34
N GLU A 142 11.93 -16.83 23.49
CA GLU A 142 11.41 -17.62 22.41
C GLU A 142 10.54 -16.73 21.52
N ASN A 143 10.49 -17.08 20.26
CA ASN A 143 9.77 -16.28 19.25
C ASN A 143 8.36 -16.82 19.25
N ASP A 144 7.49 -16.23 20.10
CA ASP A 144 6.11 -16.69 20.14
C ASP A 144 5.20 -15.84 19.24
N SER A 145 4.01 -16.35 19.01
CA SER A 145 2.98 -15.62 18.27
C SER A 145 2.72 -14.30 18.96
N LYS A 146 2.65 -13.23 18.17
CA LYS A 146 2.46 -11.88 18.68
C LYS A 146 0.98 -11.50 18.55
N GLU A 147 0.55 -10.62 19.41
CA GLU A 147 -0.86 -10.22 19.42
C GLU A 147 -0.94 -8.79 18.92
N GLY A 148 -1.38 -7.87 19.77
CA GLY A 148 -1.44 -6.48 19.36
C GLY A 148 -2.31 -6.30 18.12
N PHE A 149 -1.76 -5.57 17.14
CA PHE A 149 -2.50 -5.32 15.90
C PHE A 149 -2.85 -6.59 15.15
N PHE A 150 -2.12 -7.70 15.35
CA PHE A 150 -2.50 -8.92 14.64
C PHE A 150 -3.85 -9.44 15.13
N THR A 151 -4.15 -9.22 16.40
CA THR A 151 -5.46 -9.62 16.90
C THR A 151 -6.57 -8.81 16.24
N TYR A 152 -6.38 -7.51 16.10
CA TYR A 152 -7.31 -6.68 15.35
C TYR A 152 -7.46 -7.14 13.91
N ILE A 153 -6.34 -7.46 13.25
CA ILE A 153 -6.37 -7.78 11.82
C ILE A 153 -7.17 -9.06 11.59
N CYS A 154 -6.99 -10.05 12.45
CA CYS A 154 -7.74 -11.31 12.29
C CYS A 154 -9.23 -11.07 12.46
N GLY A 155 -9.62 -10.31 13.50
CA GLY A 155 -11.03 -9.98 13.66
C GLY A 155 -11.56 -9.14 12.52
N PHE A 156 -10.78 -8.15 12.08
CA PHE A 156 -11.19 -7.31 10.98
C PHE A 156 -11.40 -8.13 9.71
N ILE A 157 -10.55 -9.12 9.48
CA ILE A 157 -10.72 -9.98 8.32
C ILE A 157 -12.01 -10.80 8.44
N GLN A 158 -12.23 -11.43 9.60
CA GLN A 158 -13.40 -12.27 9.79
C GLN A 158 -14.69 -11.47 9.79
N GLN A 159 -14.65 -10.23 10.23
CA GLN A 159 -15.83 -9.39 10.34
C GLN A 159 -16.07 -8.49 9.13
N LYS A 160 -15.03 -8.00 8.46
CA LYS A 160 -15.19 -6.92 7.51
C LYS A 160 -14.57 -7.20 6.14
N LEU A 161 -14.13 -8.41 5.86
CA LEU A 161 -13.64 -8.75 4.53
C LEU A 161 -14.76 -9.41 3.74
N ALA A 162 -15.08 -8.81 2.59
CA ALA A 162 -16.01 -9.45 1.68
C ALA A 162 -15.56 -10.86 1.30
N LEU A 163 -16.55 -11.73 1.10
CA LEU A 163 -16.25 -12.99 0.44
C LEU A 163 -15.75 -12.69 -0.95
N GLY A 164 -14.71 -13.41 -1.36
CA GLY A 164 -14.01 -13.13 -2.60
C GLY A 164 -12.88 -12.13 -2.46
N GLY A 165 -12.89 -11.34 -1.38
CA GLY A 165 -11.84 -10.37 -1.13
C GLY A 165 -10.51 -11.03 -0.79
N SER A 166 -9.45 -10.24 -0.83
CA SER A 166 -8.11 -10.73 -0.60
C SER A 166 -7.40 -9.84 0.41
N VAL A 167 -6.27 -10.36 0.94
CA VAL A 167 -5.44 -9.61 1.90
C VAL A 167 -3.96 -9.81 1.60
N ALA A 168 -3.15 -8.81 2.00
CA ALA A 168 -1.68 -8.89 2.07
C ALA A 168 -1.25 -8.23 3.37
N ILE A 169 -0.71 -9.02 4.29
CA ILE A 169 -0.39 -8.58 5.65
C ILE A 169 1.09 -8.84 5.86
N LYS A 170 1.85 -7.80 6.19
CA LYS A 170 3.29 -7.95 6.29
C LYS A 170 3.66 -8.68 7.59
N ILE A 171 4.54 -9.66 7.47
CA ILE A 171 5.12 -10.36 8.60
C ILE A 171 6.63 -10.28 8.49
N THR A 172 7.29 -10.72 9.56
CA THR A 172 8.73 -10.94 9.58
C THR A 172 8.99 -12.18 10.44
N GLU A 173 10.27 -12.47 10.66
CA GLU A 173 10.62 -13.59 11.52
C GLU A 173 9.93 -13.46 12.89
N HIS A 174 10.06 -12.30 13.54
CA HIS A 174 9.48 -12.11 14.86
C HIS A 174 8.14 -11.38 14.88
N SER A 175 7.72 -10.73 13.78
CA SER A 175 6.42 -10.06 13.69
C SER A 175 5.48 -11.01 12.95
N TRP A 176 4.78 -11.87 13.70
CA TRP A 176 3.90 -12.86 13.10
C TRP A 176 2.85 -13.29 14.12
N ASN A 177 1.86 -14.04 13.64
CA ASN A 177 0.72 -14.43 14.48
C ASN A 177 0.16 -15.75 13.96
N ALA A 178 -0.04 -16.71 14.88
CA ALA A 178 -0.51 -18.04 14.48
C ALA A 178 -1.95 -18.04 13.95
N ASP A 179 -2.83 -17.19 14.47
CA ASP A 179 -4.21 -17.20 13.98
C ASP A 179 -4.33 -16.60 12.58
N LEU A 180 -3.43 -15.67 12.24
CA LEU A 180 -3.39 -15.14 10.87
C LEU A 180 -3.05 -16.21 9.84
N TYR A 181 -2.03 -17.04 10.14
CA TYR A 181 -1.76 -18.21 9.31
C TYR A 181 -2.95 -19.14 9.23
N LYS A 182 -3.54 -19.46 10.39
CA LYS A 182 -4.72 -20.30 10.39
C LYS A 182 -5.81 -19.73 9.47
N LEU A 183 -5.99 -18.42 9.50
CA LEU A 183 -6.97 -17.76 8.65
C LEU A 183 -6.63 -17.80 7.17
N MET A 184 -5.34 -17.95 6.82
CA MET A 184 -4.99 -18.18 5.43
C MET A 184 -5.72 -19.38 4.86
N GLY A 185 -6.00 -20.38 5.69
CA GLY A 185 -6.77 -21.51 5.24
C GLY A 185 -8.25 -21.24 5.02
N HIS A 186 -8.72 -20.01 5.24
CA HIS A 186 -10.10 -19.62 4.96
C HIS A 186 -10.24 -18.90 3.62
N PHE A 187 -9.19 -18.95 2.81
CA PHE A 187 -9.16 -18.40 1.47
C PHE A 187 -9.00 -19.55 0.50
N ALA A 188 -9.31 -19.29 -0.78
CA ALA A 188 -9.16 -20.34 -1.79
C ALA A 188 -7.69 -20.69 -2.01
N TRP A 189 -6.79 -19.74 -1.79
CA TRP A 189 -5.36 -19.93 -1.97
C TRP A 189 -4.63 -18.92 -1.10
N TRP A 190 -3.40 -19.22 -0.75
CA TRP A 190 -2.61 -18.37 0.13
C TRP A 190 -1.13 -18.61 -0.18
N THR A 191 -0.28 -17.63 0.19
CA THR A 191 1.16 -17.81 0.16
C THR A 191 1.83 -16.81 1.08
N ALA A 192 3.15 -16.95 1.22
CA ALA A 192 4.01 -15.95 1.83
C ALA A 192 4.92 -15.45 0.71
N PHE A 193 4.86 -14.15 0.44
CA PHE A 193 5.48 -13.55 -0.73
C PHE A 193 6.59 -12.60 -0.29
N VAL A 194 7.79 -12.83 -0.81
CA VAL A 194 8.98 -12.05 -0.49
C VAL A 194 9.33 -11.19 -1.68
N THR A 195 9.42 -9.87 -1.49
CA THR A 195 9.81 -8.99 -2.58
C THR A 195 11.29 -9.16 -2.89
N ASN A 196 11.60 -9.08 -4.19
CA ASN A 196 12.99 -9.21 -4.61
C ASN A 196 13.84 -8.05 -4.13
N VAL A 197 13.27 -6.85 -3.98
CA VAL A 197 14.08 -5.75 -3.45
C VAL A 197 14.40 -5.88 -1.96
N ASN A 198 13.65 -6.70 -1.21
CA ASN A 198 13.92 -6.87 0.22
C ASN A 198 14.18 -8.33 0.54
N ALA A 199 14.77 -9.03 -0.45
CA ALA A 199 15.03 -10.45 -0.35
C ALA A 199 15.98 -10.80 0.80
N SER A 200 16.73 -9.82 1.29
CA SER A 200 17.67 -9.95 2.39
C SER A 200 17.02 -9.76 3.76
N SER A 201 15.72 -9.54 3.79
CA SER A 201 14.96 -9.41 5.03
C SER A 201 14.04 -10.63 5.18
N SER A 202 13.70 -10.94 6.42
CA SER A 202 12.74 -12.01 6.68
C SER A 202 11.31 -11.54 6.51
N GLU A 203 11.11 -10.26 6.22
CA GLU A 203 9.81 -9.79 5.76
C GLU A 203 9.22 -10.71 4.71
N ALA A 204 7.89 -10.86 4.78
CA ALA A 204 7.09 -11.41 3.70
C ALA A 204 5.72 -10.79 3.86
N PHE A 205 4.92 -10.89 2.80
CA PHE A 205 3.52 -10.52 2.85
C PHE A 205 2.74 -11.81 2.84
N LEU A 206 1.97 -12.05 3.90
CA LEU A 206 1.04 -13.17 3.90
C LEU A 206 -0.19 -12.80 3.10
N ILE A 207 -0.40 -13.51 2.00
CA ILE A 207 -1.43 -13.16 1.04
C ILE A 207 -2.51 -14.22 1.10
N GLY A 208 -3.75 -13.80 1.45
CA GLY A 208 -4.91 -14.65 1.31
C GLY A 208 -5.67 -14.21 0.08
N CYS A 209 -5.90 -15.15 -0.83
CA CYS A 209 -6.49 -14.85 -2.12
C CYS A 209 -7.90 -15.44 -2.20
N ASN A 210 -8.91 -14.55 -2.34
CA ASN A 210 -10.33 -14.93 -2.44
C ASN A 210 -10.89 -15.57 -1.18
N TYR A 211 -11.44 -14.73 -0.30
CA TYR A 211 -11.91 -15.16 1.02
C TYR A 211 -13.21 -15.94 0.91
N LEU A 212 -13.27 -17.06 1.65
CA LEU A 212 -14.39 -17.98 1.64
C LEU A 212 -15.20 -17.96 2.91
N GLY A 213 -14.74 -17.26 3.95
CA GLY A 213 -15.47 -17.16 5.19
C GLY A 213 -15.58 -18.43 6.00
N LYS A 214 -14.86 -19.48 5.62
CA LYS A 214 -14.87 -20.73 6.35
C LYS A 214 -13.59 -21.47 6.02
N PRO A 215 -13.16 -22.39 6.87
CA PRO A 215 -11.88 -23.07 6.60
C PRO A 215 -12.01 -24.02 5.43
N ARG A 216 -11.25 -23.76 4.40
CA ARG A 216 -11.03 -24.75 3.34
C ARG A 216 -10.00 -25.78 3.79
N GLU A 217 -9.10 -25.39 4.67
CA GLU A 217 -7.88 -26.10 5.04
C GLU A 217 -7.59 -25.75 6.48
N GLN A 218 -7.16 -26.72 7.25
CA GLN A 218 -6.85 -26.49 8.66
C GLN A 218 -5.35 -26.27 8.74
N ILE A 219 -4.95 -25.08 9.18
CA ILE A 219 -3.56 -24.70 9.23
C ILE A 219 -3.21 -24.48 10.68
N ASP A 220 -2.19 -25.19 11.15
CA ASP A 220 -1.54 -24.88 12.41
C ASP A 220 -0.52 -23.78 12.12
N GLY A 221 -0.73 -22.63 12.75
CA GLY A 221 0.05 -21.44 12.43
C GLY A 221 1.40 -21.38 13.07
N TYR A 222 1.58 -22.04 14.21
N TYR A 222 1.57 -22.05 14.20
CA TYR A 222 2.93 -22.18 14.75
CA TYR A 222 2.90 -22.22 14.77
C TYR A 222 3.77 -23.03 13.81
C TYR A 222 3.76 -23.04 13.82
N VAL A 223 3.21 -24.15 13.33
CA VAL A 223 3.92 -25.01 12.36
C VAL A 223 4.15 -24.28 11.04
N MET A 224 3.16 -23.52 10.55
CA MET A 224 3.34 -22.92 9.23
C MET A 224 4.39 -21.80 9.27
N HIS A 225 4.51 -21.05 10.37
CA HIS A 225 5.56 -20.03 10.42
C HIS A 225 6.94 -20.67 10.46
N ALA A 226 7.07 -21.76 11.22
CA ALA A 226 8.29 -22.56 11.21
C ALA A 226 8.60 -23.04 9.80
N ASN A 227 7.58 -23.47 9.06
CA ASN A 227 7.78 -23.86 7.68
C ASN A 227 8.32 -22.70 6.86
N TYR A 228 7.79 -21.49 7.10
CA TYR A 228 8.16 -20.31 6.35
C TYR A 228 9.63 -19.97 6.61
N ILE A 229 10.03 -19.98 7.88
CA ILE A 229 11.42 -19.71 8.24
C ILE A 229 12.36 -20.77 7.69
N PHE A 230 11.94 -22.02 7.73
CA PHE A 230 12.71 -23.08 7.09
C PHE A 230 12.96 -22.79 5.62
N TRP A 231 11.89 -22.48 4.87
CA TRP A 231 12.04 -22.10 3.47
C TRP A 231 13.04 -20.97 3.32
N ARG A 232 12.83 -19.86 4.05
CA ARG A 232 13.74 -18.72 3.96
C ARG A 232 15.17 -19.10 4.32
N ASN A 233 15.34 -19.93 5.37
CA ASN A 233 16.66 -20.31 5.83
C ASN A 233 17.41 -21.13 4.80
N THR A 234 16.71 -21.88 3.95
CA THR A 234 17.38 -22.80 3.05
C THR A 234 17.31 -22.37 1.60
N ASN A 235 16.72 -21.21 1.30
CA ASN A 235 16.55 -20.76 -0.07
C ASN A 235 16.93 -19.29 -0.11
N PRO A 236 18.22 -19.01 -0.23
CA PRO A 236 18.67 -17.63 -0.39
C PRO A 236 18.09 -17.04 -1.67
N ILE A 237 17.60 -15.82 -1.54
CA ILE A 237 17.02 -15.06 -2.65
C ILE A 237 17.96 -13.90 -2.92
N GLN A 238 18.43 -13.80 -4.17
CA GLN A 238 19.29 -12.69 -4.57
C GLN A 238 18.46 -11.43 -4.74
N LEU A 239 18.91 -10.35 -4.09
CA LEU A 239 18.29 -9.06 -4.25
C LEU A 239 18.20 -8.71 -5.72
N SER A 240 17.04 -8.19 -6.11
CA SER A 240 16.85 -7.79 -7.49
C SER A 240 15.84 -6.66 -7.56
N SER A 241 16.15 -5.66 -8.38
CA SER A 241 15.22 -4.57 -8.69
C SER A 241 14.78 -4.58 -10.14
N TYR A 242 15.10 -5.66 -10.88
CA TYR A 242 14.82 -5.73 -12.32
C TYR A 242 13.39 -5.36 -12.68
N SER A 243 12.41 -5.93 -11.96
CA SER A 243 11.01 -5.81 -12.38
C SER A 243 10.48 -4.38 -12.26
N LEU A 244 11.17 -3.54 -11.49
CA LEU A 244 10.79 -2.15 -11.30
C LEU A 244 10.85 -1.36 -12.59
N PHE A 245 11.64 -1.83 -13.55
CA PHE A 245 11.88 -1.13 -14.79
C PHE A 245 10.82 -1.37 -15.85
N ASP A 246 10.01 -2.41 -15.73
CA ASP A 246 8.94 -2.65 -16.67
C ASP A 246 7.62 -2.42 -15.96
N MET A 247 7.02 -1.28 -16.23
CA MET A 247 5.74 -0.91 -15.66
C MET A 247 4.61 -0.88 -16.69
N SER A 248 4.84 -1.40 -17.90
CA SER A 248 3.84 -1.29 -18.96
C SER A 248 2.54 -2.04 -18.62
N LYS A 249 2.64 -3.15 -17.90
CA LYS A 249 1.48 -3.95 -17.53
C LYS A 249 1.12 -3.80 -16.04
N PHE A 250 1.53 -2.68 -15.42
CA PHE A 250 1.38 -2.55 -13.96
C PHE A 250 -0.06 -2.41 -13.50
N PRO A 251 -0.91 -1.59 -14.13
CA PRO A 251 -2.24 -1.37 -13.59
C PRO A 251 -3.04 -2.66 -13.37
N LEU A 252 -3.70 -2.73 -12.21
CA LEU A 252 -4.65 -3.80 -11.95
C LEU A 252 -5.80 -3.75 -12.95
N LYS A 253 -6.06 -4.89 -13.60
N LYS A 253 -6.05 -4.89 -13.61
CA LYS A 253 -7.14 -5.00 -14.58
CA LYS A 253 -7.10 -4.96 -14.62
C LYS A 253 -8.49 -4.74 -13.94
C LYS A 253 -8.47 -4.74 -13.98
N LEU A 254 -9.27 -3.82 -14.51
CA LEU A 254 -10.64 -3.61 -13.99
C LEU A 254 -11.45 -4.73 -14.61
N ARG A 255 -11.72 -5.78 -13.80
CA ARG A 255 -12.47 -6.95 -14.25
C ARG A 255 -13.97 -6.72 -14.18
N GLY A 256 -14.42 -5.65 -13.51
CA GLY A 256 -15.84 -5.46 -13.30
C GLY A 256 -16.52 -6.56 -12.53
N THR A 257 -15.80 -7.17 -11.59
CA THR A 257 -16.31 -8.32 -10.87
C THR A 257 -17.68 -8.03 -10.25
N ALA A 258 -18.59 -9.01 -10.38
CA ALA A 258 -19.92 -8.85 -9.81
C ALA A 258 -19.91 -8.76 -8.29
N VAL A 259 -20.72 -7.84 -7.75
CA VAL A 259 -20.98 -7.75 -6.32
C VAL A 259 -22.42 -8.16 -6.10
N MET A 260 -22.63 -9.12 -5.21
CA MET A 260 -23.96 -9.52 -4.80
C MET A 260 -24.07 -9.49 -3.30
N SER A 261 -25.20 -9.03 -2.80
CA SER A 261 -25.55 -9.33 -1.43
C SER A 261 -26.20 -10.71 -1.39
N LEU A 262 -25.87 -11.48 -0.37
CA LEU A 262 -26.42 -12.82 -0.20
C LEU A 262 -26.32 -13.17 1.27
N LYS A 263 -27.31 -13.89 1.77
CA LYS A 263 -27.32 -14.29 3.16
C LYS A 263 -26.64 -15.65 3.31
N GLU A 264 -26.17 -15.93 4.52
CA GLU A 264 -25.31 -17.10 4.72
C GLU A 264 -25.94 -18.40 4.24
N GLY A 265 -27.24 -18.40 3.93
CA GLY A 265 -27.88 -19.60 3.44
C GLY A 265 -27.79 -19.82 1.94
N GLN A 266 -27.52 -18.76 1.18
CA GLN A 266 -27.50 -18.89 -0.27
C GLN A 266 -26.10 -19.15 -0.83
N ILE A 267 -25.11 -19.38 0.04
CA ILE A 267 -23.73 -19.64 -0.38
C ILE A 267 -23.61 -21.15 -0.60
N ASN A 268 -23.83 -21.58 -1.82
CA ASN A 268 -23.71 -22.99 -2.18
C ASN A 268 -22.33 -23.24 -2.80
N ASP A 269 -22.13 -24.44 -3.30
CA ASP A 269 -20.83 -24.81 -3.83
C ASP A 269 -20.57 -24.11 -5.15
N MET A 270 -21.61 -23.75 -5.88
CA MET A 270 -21.40 -23.03 -7.13
C MET A 270 -20.99 -21.59 -6.86
N ILE A 271 -21.59 -20.96 -5.85
CA ILE A 271 -21.13 -19.66 -5.37
C ILE A 271 -19.68 -19.77 -4.90
N LEU A 272 -19.39 -20.74 -4.03
CA LEU A 272 -18.05 -20.90 -3.52
C LEU A 272 -17.06 -21.07 -4.65
N SER A 273 -17.46 -21.69 -5.75
CA SER A 273 -16.57 -21.85 -6.89
C SER A 273 -16.30 -20.51 -7.55
N LEU A 274 -17.34 -19.68 -7.67
CA LEU A 274 -17.15 -18.35 -8.24
C LEU A 274 -16.23 -17.49 -7.36
N LEU A 275 -16.43 -17.55 -6.05
CA LEU A 275 -15.55 -16.84 -5.12
C LEU A 275 -14.12 -17.27 -5.29
N SER A 276 -13.92 -18.59 -5.33
CA SER A 276 -12.60 -19.18 -5.42
C SER A 276 -11.85 -18.80 -6.67
N LYS A 277 -12.57 -18.44 -7.73
CA LYS A 277 -11.99 -18.13 -9.02
C LYS A 277 -11.80 -16.63 -9.25
N GLY A 278 -12.11 -15.80 -8.25
CA GLY A 278 -11.92 -14.38 -8.45
C GLY A 278 -13.04 -13.74 -9.23
N ARG A 279 -14.19 -14.39 -9.28
CA ARG A 279 -15.26 -14.01 -10.19
C ARG A 279 -16.47 -13.45 -9.44
N LEU A 280 -16.42 -13.34 -8.12
CA LEU A 280 -17.56 -12.84 -7.37
C LEU A 280 -17.13 -12.20 -6.05
N ILE A 281 -17.75 -11.05 -5.74
CA ILE A 281 -17.66 -10.42 -4.42
C ILE A 281 -19.03 -10.46 -3.77
N ILE A 282 -19.06 -10.78 -2.49
CA ILE A 282 -20.30 -10.85 -1.74
C ILE A 282 -20.17 -9.95 -0.52
N ARG A 283 -21.04 -8.93 -0.47
CA ARG A 283 -21.13 -7.92 0.56
C ARG A 283 -22.22 -6.92 0.17
N GLU A 284 -22.68 -6.15 1.16
CA GLU A 284 -23.45 -4.94 0.89
C GLU A 284 -22.71 -4.04 -0.08
N ASN A 285 -23.45 -3.24 -0.84
CA ASN A 285 -22.83 -2.25 -1.69
C ASN A 285 -23.35 -0.86 -1.35
N ASN A 286 -23.50 -0.64 -0.04
CA ASN A 286 -23.90 0.64 0.49
C ASN A 286 -22.75 1.63 0.39
N ARG A 287 -22.97 2.82 0.94
CA ARG A 287 -21.94 3.83 0.97
C ARG A 287 -20.94 3.50 2.07
N VAL A 288 -19.72 3.95 1.89
CA VAL A 288 -18.61 3.62 2.78
C VAL A 288 -18.46 4.69 3.87
N VAL A 289 -18.54 4.24 5.13
CA VAL A 289 -18.45 5.08 6.32
C VAL A 289 -17.47 4.44 7.29
N ILE A 290 -16.54 5.25 7.79
CA ILE A 290 -15.50 4.82 8.70
C ILE A 290 -15.47 5.81 9.86
N SER A 291 -14.77 5.43 10.93
CA SER A 291 -14.66 6.31 12.07
C SER A 291 -13.49 5.85 12.95
N SER A 292 -12.92 6.80 13.68
CA SER A 292 -11.86 6.56 14.65
C SER A 292 -12.41 6.82 16.05
N ASP A 293 -12.26 5.84 16.95
CA ASP A 293 -12.69 6.03 18.33
C ASP A 293 -11.71 6.98 19.03
N VAL A 294 -12.27 7.99 19.72
CA VAL A 294 -11.50 9.03 20.40
C VAL A 294 -11.74 8.96 21.90
N LEU A 295 -10.68 8.77 22.66
CA LEU A 295 -10.76 8.75 24.10
C LEU A 295 -10.77 10.18 24.64
N VAL A 296 -11.74 10.47 25.50
CA VAL A 296 -11.93 11.80 26.07
C VAL A 296 -11.41 11.84 27.49
N ASN A 297 -10.54 12.82 27.78
CA ASN A 297 -9.96 13.06 29.09
C ASN A 297 -9.82 14.54 29.35
N ASN A 298 -10.15 14.96 30.56
CA ASN A 298 -9.84 16.28 31.05
C ASN A 298 -8.70 16.17 32.07
N GLU A 299 -7.50 16.64 31.69
CA GLU A 299 -6.29 16.54 32.50
C GLU A 299 -6.16 17.63 33.57
N ASN A 300 -7.07 18.60 33.63
CA ASN A 300 -7.04 19.61 34.68
C ASN A 300 -7.48 18.97 35.99
N LEU A 301 -6.85 19.40 37.08
CA LEU A 301 -6.87 18.67 38.37
C LEU A 301 -6.25 17.26 38.26
N ALA B 19 -7.70 40.41 9.98
CA ALA B 19 -7.15 40.51 8.63
C ALA B 19 -5.81 39.77 8.47
N PHE B 20 -5.36 39.07 9.52
CA PHE B 20 -4.07 38.38 9.50
C PHE B 20 -4.24 36.93 9.04
N ALA B 21 -3.41 36.54 8.07
CA ALA B 21 -3.24 35.15 7.68
C ALA B 21 -1.77 34.93 7.36
N VAL B 22 -1.31 33.72 7.63
CA VAL B 22 0.06 33.35 7.28
C VAL B 22 0.13 33.10 5.78
N ASP B 23 1.19 33.61 5.16
CA ASP B 23 1.46 33.41 3.73
C ASP B 23 2.59 32.39 3.62
N ALA B 24 2.23 31.10 3.61
CA ALA B 24 3.26 30.07 3.59
C ALA B 24 3.94 29.96 2.23
N ALA B 25 3.21 30.25 1.14
CA ALA B 25 3.81 30.22 -0.19
C ALA B 25 4.98 31.17 -0.27
N LYS B 26 4.79 32.41 0.19
CA LYS B 26 5.86 33.40 0.20
C LYS B 26 6.99 32.96 1.13
N ALA B 27 6.66 32.38 2.28
CA ALA B 27 7.69 31.95 3.22
C ALA B 27 8.62 30.93 2.57
N TYR B 28 8.04 29.97 1.85
CA TYR B 28 8.86 28.95 1.21
C TYR B 28 9.67 29.55 0.05
N LYS B 29 9.01 30.40 -0.76
CA LYS B 29 9.70 31.07 -1.87
C LYS B 29 10.90 31.87 -1.38
N ASP B 30 10.76 32.55 -0.24
CA ASP B 30 11.87 33.35 0.26
C ASP B 30 12.94 32.46 0.88
N TYR B 31 12.51 31.43 1.62
CA TYR B 31 13.45 30.46 2.17
C TYR B 31 14.30 29.84 1.07
N LEU B 32 13.67 29.44 -0.04
CA LEU B 32 14.42 28.93 -1.17
C LEU B 32 15.39 29.99 -1.70
N ALA B 33 14.86 31.19 -2.00
CA ALA B 33 15.67 32.26 -2.56
C ALA B 33 16.92 32.54 -1.73
N SER B 34 16.84 32.35 -0.42
CA SER B 34 17.96 32.59 0.47
C SER B 34 18.76 31.33 0.76
N GLY B 35 18.71 30.35 -0.13
CA GLY B 35 19.58 29.18 -0.06
C GLY B 35 19.10 28.01 0.77
N GLY B 36 17.84 27.99 1.21
CA GLY B 36 17.35 26.87 2.00
C GLY B 36 17.11 25.62 1.17
N GLN B 37 17.34 24.45 1.78
CA GLN B 37 17.24 23.19 1.03
C GLN B 37 15.79 22.81 0.82
N PRO B 38 15.39 22.42 -0.41
CA PRO B 38 13.98 22.13 -0.68
C PRO B 38 13.39 21.02 0.19
N ILE B 39 12.07 21.08 0.36
CA ILE B 39 11.33 19.99 0.97
C ILE B 39 11.66 18.68 0.28
N THR B 40 12.00 17.69 1.08
CA THR B 40 12.37 16.38 0.64
C THR B 40 11.24 15.38 0.85
N ASN B 41 11.52 14.12 0.47
CA ASN B 41 10.62 12.99 0.67
C ASN B 41 9.32 13.16 -0.10
N CYS B 42 9.38 13.91 -1.19
CA CYS B 42 8.30 13.84 -2.16
C CYS B 42 8.34 12.44 -2.75
N VAL B 43 7.16 11.82 -2.88
CA VAL B 43 7.04 10.40 -3.22
C VAL B 43 7.08 10.23 -4.75
N LYS B 44 8.23 9.80 -5.27
CA LYS B 44 8.39 9.57 -6.71
C LYS B 44 7.94 8.16 -7.09
N MET B 45 7.20 8.06 -8.18
CA MET B 45 6.61 6.82 -8.66
C MET B 45 7.47 6.17 -9.75
N LEU B 46 7.40 4.84 -9.80
CA LEU B 46 7.86 4.11 -10.95
C LEU B 46 6.79 4.16 -12.04
N CYS B 47 7.21 4.41 -13.27
CA CYS B 47 6.25 4.52 -14.36
C CYS B 47 7.00 4.26 -15.66
N THR B 48 6.22 4.18 -16.76
CA THR B 48 6.82 3.93 -18.08
C THR B 48 7.64 5.11 -18.59
N HIS B 49 7.29 6.34 -18.20
CA HIS B 49 7.85 7.57 -18.78
C HIS B 49 7.53 7.69 -20.26
N THR B 50 6.37 7.15 -20.65
CA THR B 50 5.80 7.29 -21.98
C THR B 50 4.38 7.82 -21.88
N GLY B 51 4.10 8.64 -20.85
CA GLY B 51 2.76 9.17 -20.64
C GLY B 51 2.53 10.50 -21.35
N THR B 52 1.34 11.04 -21.12
CA THR B 52 0.88 12.24 -21.81
C THR B 52 1.70 13.49 -21.46
N GLY B 53 2.45 13.47 -20.37
CA GLY B 53 3.14 14.67 -19.93
C GLY B 53 2.27 15.77 -19.35
N GLN B 54 0.96 15.54 -19.21
CA GLN B 54 0.09 16.50 -18.55
C GLN B 54 0.52 16.70 -17.10
N ALA B 55 0.06 17.81 -16.51
CA ALA B 55 0.66 18.31 -15.28
C ALA B 55 0.20 17.53 -14.06
N ILE B 56 -1.11 17.32 -13.94
CA ILE B 56 -1.73 16.74 -12.76
C ILE B 56 -2.74 15.71 -13.26
N THR B 57 -2.52 14.44 -12.91
CA THR B 57 -3.27 13.36 -13.53
C THR B 57 -3.74 12.36 -12.47
N VAL B 58 -4.69 11.51 -12.87
CA VAL B 58 -5.25 10.53 -11.93
C VAL B 58 -4.32 9.33 -11.74
N THR B 59 -3.34 9.18 -12.61
CA THR B 59 -2.35 8.12 -12.55
C THR B 59 -1.07 8.69 -13.16
N PRO B 60 0.09 8.15 -12.80
CA PRO B 60 1.34 8.70 -13.34
C PRO B 60 1.35 8.77 -14.86
N GLU B 61 1.79 9.93 -15.38
CA GLU B 61 1.75 10.24 -16.80
C GLU B 61 3.04 10.91 -17.24
N ALA B 62 4.13 10.73 -16.51
CA ALA B 62 5.37 11.35 -16.93
C ALA B 62 5.76 10.90 -18.34
N ASN B 63 6.38 11.82 -19.08
CA ASN B 63 7.01 11.50 -20.34
C ASN B 63 8.51 11.33 -20.11
N MET B 64 9.29 11.32 -21.20
CA MET B 64 10.71 11.03 -21.08
C MET B 64 11.44 12.16 -20.35
N ASP B 65 10.83 13.34 -20.26
CA ASP B 65 11.44 14.52 -19.66
C ASP B 65 10.94 14.81 -18.25
N GLN B 66 10.12 13.92 -17.67
CA GLN B 66 9.43 14.16 -16.42
C GLN B 66 9.59 13.01 -15.45
N GLU B 67 9.46 13.34 -14.17
CA GLU B 67 9.18 12.38 -13.11
C GLU B 67 7.75 12.59 -12.64
N SER B 68 7.13 11.51 -12.18
CA SER B 68 5.81 11.55 -11.58
C SER B 68 5.93 11.37 -10.08
N PHE B 69 5.11 12.12 -9.31
CA PHE B 69 5.12 12.10 -7.85
C PHE B 69 3.70 11.97 -7.32
N GLY B 70 3.57 11.30 -6.19
CA GLY B 70 2.29 11.32 -5.51
C GLY B 70 1.97 12.75 -5.07
N GLY B 71 0.76 13.20 -5.36
CA GLY B 71 0.47 14.63 -5.30
C GLY B 71 0.51 15.21 -3.89
N ALA B 72 -0.12 14.53 -2.93
CA ALA B 72 -0.09 15.02 -1.54
C ALA B 72 1.32 15.40 -1.09
N SER B 73 2.29 14.54 -1.39
CA SER B 73 3.65 14.76 -0.91
C SER B 73 4.34 15.95 -1.58
N CYS B 74 3.72 16.51 -2.62
CA CYS B 74 4.27 17.63 -3.37
C CYS B 74 3.52 18.93 -3.09
N CYS B 75 2.55 18.91 -2.19
CA CYS B 75 1.69 20.03 -1.92
C CYS B 75 2.17 20.74 -0.65
N LEU B 76 2.43 22.04 -0.76
CA LEU B 76 3.02 22.75 0.37
C LEU B 76 2.10 22.70 1.58
N TYR B 77 0.79 22.86 1.33
CA TYR B 77 -0.20 22.92 2.40
C TYR B 77 -0.39 21.56 3.06
N CYS B 78 -0.56 20.51 2.26
CA CYS B 78 -0.54 19.15 2.77
C CYS B 78 0.68 18.92 3.66
N ARG B 79 1.88 19.19 3.14
CA ARG B 79 3.11 18.84 3.85
C ARG B 79 3.34 19.70 5.08
N CYS B 80 2.85 20.94 5.10
CA CYS B 80 3.11 21.85 6.21
C CYS B 80 2.00 21.82 7.25
N HIS B 81 0.94 21.06 7.03
CA HIS B 81 -0.15 20.92 8.00
C HIS B 81 -0.85 22.27 8.17
N ILE B 82 -1.16 22.89 7.04
CA ILE B 82 -1.80 24.20 7.03
C ILE B 82 -2.97 24.17 6.07
N ASP B 83 -3.89 25.11 6.27
CA ASP B 83 -5.09 25.23 5.47
C ASP B 83 -4.76 25.52 4.01
N HIS B 84 -5.54 24.98 3.11
CA HIS B 84 -5.27 25.21 1.69
C HIS B 84 -5.85 26.55 1.25
N PRO B 85 -5.17 27.27 0.35
CA PRO B 85 -5.67 28.57 -0.13
C PRO B 85 -6.86 28.40 -1.04
N ASN B 86 -8.03 28.32 -0.46
CA ASN B 86 -9.23 27.90 -1.15
C ASN B 86 -10.34 28.03 -0.13
N PRO B 87 -11.44 28.75 -0.43
CA PRO B 87 -12.56 28.82 0.53
C PRO B 87 -13.03 27.44 1.00
N LYS B 88 -12.99 26.42 0.14
CA LYS B 88 -13.35 25.06 0.52
C LYS B 88 -12.19 24.26 1.12
N GLY B 89 -10.96 24.78 1.04
CA GLY B 89 -9.79 24.04 1.45
C GLY B 89 -9.46 22.86 0.56
N PHE B 90 -10.08 22.74 -0.61
CA PHE B 90 -9.84 21.61 -1.51
C PHE B 90 -8.41 21.63 -2.02
N CYS B 91 -7.83 20.43 -2.13
CA CYS B 91 -6.47 20.26 -2.63
C CYS B 91 -6.50 19.66 -4.02
N ASP B 92 -5.84 20.32 -4.97
CA ASP B 92 -5.85 19.85 -6.34
C ASP B 92 -4.71 18.88 -6.63
N LEU B 93 -3.85 18.61 -5.65
CA LEU B 93 -2.78 17.63 -5.82
C LEU B 93 -3.05 16.30 -5.13
N LYS B 94 -3.64 16.32 -3.94
CA LYS B 94 -3.82 15.11 -3.16
C LYS B 94 -4.71 14.12 -3.89
N GLY B 95 -4.30 12.85 -3.88
CA GLY B 95 -5.06 11.81 -4.54
C GLY B 95 -4.82 11.69 -6.03
N LYS B 96 -3.93 12.52 -6.58
CA LYS B 96 -3.51 12.49 -7.97
C LYS B 96 -1.99 12.44 -8.04
N TYR B 97 -1.45 12.54 -9.25
CA TYR B 97 -0.02 12.52 -9.51
C TYR B 97 0.36 13.79 -10.23
N VAL B 98 1.49 14.36 -9.84
CA VAL B 98 1.99 15.56 -10.48
C VAL B 98 3.25 15.18 -11.25
N GLN B 99 3.28 15.58 -12.52
CA GLN B 99 4.46 15.43 -13.36
C GLN B 99 5.36 16.64 -13.22
N ILE B 100 6.63 16.39 -12.95
CA ILE B 100 7.60 17.46 -12.69
C ILE B 100 8.71 17.28 -13.71
N PRO B 101 9.08 18.33 -14.46
CA PRO B 101 10.26 18.26 -15.32
C PRO B 101 11.42 17.68 -14.54
N THR B 102 12.17 16.80 -15.20
CA THR B 102 13.27 16.14 -14.50
C THR B 102 14.27 17.15 -13.98
N THR B 103 14.47 18.23 -14.72
CA THR B 103 15.40 19.28 -14.31
C THR B 103 14.98 19.95 -13.01
N CYS B 104 13.70 19.90 -12.65
CA CYS B 104 13.20 20.55 -11.45
C CYS B 104 12.80 19.57 -10.35
N ALA B 105 13.08 18.28 -10.53
CA ALA B 105 12.55 17.28 -9.61
C ALA B 105 13.26 17.29 -8.27
N ASN B 106 14.34 18.07 -8.13
CA ASN B 106 14.93 18.29 -6.82
C ASN B 106 14.01 19.06 -5.89
N ASP B 107 12.97 19.73 -6.41
CA ASP B 107 12.11 20.58 -5.60
C ASP B 107 10.70 20.54 -6.18
N PRO B 108 10.03 19.41 -6.07
CA PRO B 108 8.65 19.34 -6.56
C PRO B 108 7.72 20.34 -5.90
N VAL B 109 7.88 20.59 -4.60
CA VAL B 109 6.95 21.49 -3.93
C VAL B 109 7.11 22.90 -4.50
N GLY B 110 8.35 23.36 -4.64
CA GLY B 110 8.61 24.63 -5.28
C GLY B 110 8.06 24.70 -6.69
N PHE B 111 8.24 23.63 -7.46
CA PHE B 111 7.75 23.67 -8.83
C PHE B 111 6.24 23.84 -8.87
N THR B 112 5.49 23.07 -8.08
CA THR B 112 4.02 23.18 -8.14
C THR B 112 3.52 24.54 -7.61
N LEU B 113 4.25 25.15 -6.67
CA LEU B 113 3.87 26.44 -6.12
C LEU B 113 4.05 27.55 -7.16
N LYS B 114 5.21 27.57 -7.80
CA LYS B 114 5.60 28.65 -8.70
C LYS B 114 4.93 28.57 -10.07
N ASN B 115 4.51 27.38 -10.51
CA ASN B 115 4.07 27.23 -11.89
C ASN B 115 2.56 27.07 -11.97
N THR B 116 2.05 27.13 -13.21
N THR B 116 2.06 27.11 -13.20
CA THR B 116 0.62 27.14 -13.44
CA THR B 116 0.63 27.14 -13.46
C THR B 116 0.29 26.16 -14.56
C THR B 116 0.30 26.15 -14.56
N VAL B 117 -0.86 25.51 -14.42
CA VAL B 117 -1.34 24.51 -15.38
C VAL B 117 -2.25 25.20 -16.40
N CYS B 118 -2.03 24.95 -17.68
CA CYS B 118 -2.92 25.48 -18.72
C CYS B 118 -4.29 24.81 -18.65
N THR B 119 -5.33 25.62 -18.45
CA THR B 119 -6.68 25.10 -18.36
C THR B 119 -7.20 24.48 -19.66
N VAL B 120 -6.42 24.55 -20.74
CA VAL B 120 -6.87 24.05 -22.05
C VAL B 120 -6.23 22.70 -22.38
N CYS B 121 -4.89 22.66 -22.45
CA CYS B 121 -4.21 21.42 -22.80
C CYS B 121 -3.68 20.62 -21.60
N GLY B 122 -3.71 21.20 -20.40
CA GLY B 122 -3.35 20.46 -19.19
C GLY B 122 -1.88 20.29 -18.95
N MET B 123 -1.03 20.90 -19.76
CA MET B 123 0.40 20.92 -19.52
C MET B 123 0.77 22.11 -18.65
N TRP B 124 1.93 22.03 -18.02
CA TRP B 124 2.49 23.18 -17.34
C TRP B 124 2.75 24.31 -18.33
N LYS B 125 2.23 25.50 -18.04
CA LYS B 125 2.63 26.68 -18.79
C LYS B 125 4.14 26.84 -18.68
N GLY B 126 4.80 26.85 -19.83
CA GLY B 126 6.24 26.97 -19.87
C GLY B 126 6.99 25.66 -19.95
N TYR B 127 6.32 24.55 -19.64
CA TYR B 127 6.95 23.22 -19.65
C TYR B 127 6.04 22.21 -20.34
N GLY B 128 5.58 22.55 -21.54
CA GLY B 128 4.76 21.66 -22.33
C GLY B 128 3.64 22.35 -23.09
N CYS B 129 3.07 23.39 -22.49
CA CYS B 129 1.94 24.09 -23.10
C CYS B 129 2.37 24.80 -24.37
N SER B 130 1.85 24.34 -25.52
CA SER B 130 2.20 24.90 -26.82
C SER B 130 1.07 25.72 -27.42
N CYS B 131 0.12 26.17 -26.59
CA CYS B 131 -1.08 26.86 -27.06
C CYS B 131 -0.79 28.25 -27.63
N ASP B 132 0.44 28.74 -27.52
CA ASP B 132 0.77 30.14 -27.84
C ASP B 132 1.65 30.28 -29.10
#